data_4R0P
# 
_entry.id   4R0P 
# 
_audit_conform.dict_name       mmcif_pdbx.dic 
_audit_conform.dict_version    5.387 
_audit_conform.dict_location   http://mmcif.pdb.org/dictionaries/ascii/mmcif_pdbx.dic 
# 
loop_
_database_2.database_id 
_database_2.database_code 
_database_2.pdbx_database_accession 
_database_2.pdbx_DOI 
PDB   4R0P         pdb_00004r0p 10.2210/pdb4r0p/pdb 
RCSB  RCSB086752   ?            ?                   
WWPDB D_1000086752 ?            ?                   
# 
loop_
_pdbx_audit_revision_history.ordinal 
_pdbx_audit_revision_history.data_content_type 
_pdbx_audit_revision_history.major_revision 
_pdbx_audit_revision_history.minor_revision 
_pdbx_audit_revision_history.revision_date 
1 'Structure model' 1 0 2014-12-17 
2 'Structure model' 1 1 2015-01-14 
3 'Structure model' 1 2 2024-02-28 
# 
_pdbx_audit_revision_details.ordinal             1 
_pdbx_audit_revision_details.revision_ordinal    1 
_pdbx_audit_revision_details.data_content_type   'Structure model' 
_pdbx_audit_revision_details.provider            repository 
_pdbx_audit_revision_details.type                'Initial release' 
_pdbx_audit_revision_details.description         ? 
_pdbx_audit_revision_details.details             ? 
# 
loop_
_pdbx_audit_revision_group.ordinal 
_pdbx_audit_revision_group.revision_ordinal 
_pdbx_audit_revision_group.data_content_type 
_pdbx_audit_revision_group.group 
1 2 'Structure model' 'Database references' 
2 3 'Structure model' 'Data collection'     
3 3 'Structure model' 'Database references' 
# 
loop_
_pdbx_audit_revision_category.ordinal 
_pdbx_audit_revision_category.revision_ordinal 
_pdbx_audit_revision_category.data_content_type 
_pdbx_audit_revision_category.category 
1 3 'Structure model' chem_comp_atom 
2 3 'Structure model' chem_comp_bond 
3 3 'Structure model' database_2     
# 
loop_
_pdbx_audit_revision_item.ordinal 
_pdbx_audit_revision_item.revision_ordinal 
_pdbx_audit_revision_item.data_content_type 
_pdbx_audit_revision_item.item 
1 3 'Structure model' '_database_2.pdbx_DOI'                
2 3 'Structure model' '_database_2.pdbx_database_accession' 
# 
_pdbx_database_status.entry_id                        4R0P 
_pdbx_database_status.status_code                     REL 
_pdbx_database_status.methods_development_category    ? 
_pdbx_database_status.deposit_site                    RCSB 
_pdbx_database_status.process_site                    RCSB 
_pdbx_database_status.recvd_initial_deposition_date   2014-08-01 
_pdbx_database_status.status_code_sf                  REL 
_pdbx_database_status.status_code_mr                  ? 
_pdbx_database_status.SG_entry                        ? 
_pdbx_database_status.status_code_cs                  ? 
_pdbx_database_status.pdb_format_compatible           Y 
_pdbx_database_status.status_code_nmr_data            ? 
# 
loop_
_audit_author.name 
_audit_author.pdbx_ordinal 
'Sievers, S.'     1 
'Eisenberg, D.S.' 2 
'Sawaya, M.R.'    3 
# 
_citation.id                        primary 
_citation.title                     'Structure-based design of functional amyloid materials.' 
_citation.journal_abbrev            J.Am.Chem.Soc. 
_citation.journal_volume            136 
_citation.page_first                18044 
_citation.page_last                 18051 
_citation.year                      2014 
_citation.journal_id_ASTM           JACSAT 
_citation.country                   US 
_citation.journal_id_ISSN           0002-7863 
_citation.journal_id_CSD            0004 
_citation.book_publisher            ? 
_citation.pdbx_database_id_PubMed   25474758 
_citation.pdbx_database_id_DOI      10.1021/ja509648u 
# 
loop_
_citation_author.citation_id 
_citation_author.name 
_citation_author.ordinal 
_citation_author.identifier_ORCID 
primary 'Li, D.'          1  ? 
primary 'Jones, E.M.'     2  ? 
primary 'Sawaya, M.R.'    3  ? 
primary 'Furukawa, H.'    4  ? 
primary 'Luo, F.'         5  ? 
primary 'Ivanova, M.'     6  ? 
primary 'Sievers, S.A.'   7  ? 
primary 'Wang, W.'        8  ? 
primary 'Yaghi, O.M.'     9  ? 
primary 'Liu, C.'         10 ? 
primary 'Eisenberg, D.S.' 11 ? 
# 
loop_
_entity.id 
_entity.type 
_entity.src_method 
_entity.pdbx_description 
_entity.formula_weight 
_entity.pdbx_number_of_molecules 
_entity.pdbx_ec 
_entity.pdbx_mutation 
_entity.pdbx_fragment 
_entity.details 
1 polymer syn 'Lysozyme C' 720.814 1 3.2.1.17 ? 'UNP RESIDUES 74-79' ? 
2 water   nat water        18.015  2 ?        ? ?                    ? 
# 
_entity_name_com.entity_id   1 
_entity_name_com.name        '1,4-beta-N-acetylmuramidase C' 
# 
_entity_poly.entity_id                      1 
_entity_poly.type                           'polypeptide(L)' 
_entity_poly.nstd_linkage                   no 
_entity_poly.nstd_monomer                   no 
_entity_poly.pdbx_seq_one_letter_code       IFQINS 
_entity_poly.pdbx_seq_one_letter_code_can   IFQINS 
_entity_poly.pdbx_strand_id                 A 
_entity_poly.pdbx_target_identifier         ? 
# 
_pdbx_entity_nonpoly.entity_id   2 
_pdbx_entity_nonpoly.name        water 
_pdbx_entity_nonpoly.comp_id     HOH 
# 
loop_
_entity_poly_seq.entity_id 
_entity_poly_seq.num 
_entity_poly_seq.mon_id 
_entity_poly_seq.hetero 
1 1 ILE n 
1 2 PHE n 
1 3 GLN n 
1 4 ILE n 
1 5 ASN n 
1 6 SER n 
# 
_pdbx_entity_src_syn.entity_id              1 
_pdbx_entity_src_syn.pdbx_src_id            1 
_pdbx_entity_src_syn.pdbx_alt_source_flag   sample 
_pdbx_entity_src_syn.pdbx_beg_seq_num       ? 
_pdbx_entity_src_syn.pdbx_end_seq_num       ? 
_pdbx_entity_src_syn.organism_scientific    'Homo sapiens' 
_pdbx_entity_src_syn.organism_common_name   human 
_pdbx_entity_src_syn.ncbi_taxonomy_id       9606 
_pdbx_entity_src_syn.details                'IFQINS hexapeptide (residues 56-61) from human lysozyme, synthesized' 
# 
loop_
_chem_comp.id 
_chem_comp.type 
_chem_comp.mon_nstd_flag 
_chem_comp.name 
_chem_comp.pdbx_synonyms 
_chem_comp.formula 
_chem_comp.formula_weight 
ASN 'L-peptide linking' y ASPARAGINE    ? 'C4 H8 N2 O3'  132.118 
GLN 'L-peptide linking' y GLUTAMINE     ? 'C5 H10 N2 O3' 146.144 
HOH non-polymer         . WATER         ? 'H2 O'         18.015  
ILE 'L-peptide linking' y ISOLEUCINE    ? 'C6 H13 N O2'  131.173 
PHE 'L-peptide linking' y PHENYLALANINE ? 'C9 H11 N O2'  165.189 
SER 'L-peptide linking' y SERINE        ? 'C3 H7 N O3'   105.093 
# 
loop_
_pdbx_poly_seq_scheme.asym_id 
_pdbx_poly_seq_scheme.entity_id 
_pdbx_poly_seq_scheme.seq_id 
_pdbx_poly_seq_scheme.mon_id 
_pdbx_poly_seq_scheme.ndb_seq_num 
_pdbx_poly_seq_scheme.pdb_seq_num 
_pdbx_poly_seq_scheme.auth_seq_num 
_pdbx_poly_seq_scheme.pdb_mon_id 
_pdbx_poly_seq_scheme.auth_mon_id 
_pdbx_poly_seq_scheme.pdb_strand_id 
_pdbx_poly_seq_scheme.pdb_ins_code 
_pdbx_poly_seq_scheme.hetero 
A 1 1 ILE 1 1 1 ILE ILE A . n 
A 1 2 PHE 2 2 2 PHE PHE A . n 
A 1 3 GLN 3 3 3 GLN GLN A . n 
A 1 4 ILE 4 4 4 ILE ILE A . n 
A 1 5 ASN 5 5 5 ASN ASN A . n 
A 1 6 SER 6 6 6 SER SER A . n 
# 
loop_
_pdbx_nonpoly_scheme.asym_id 
_pdbx_nonpoly_scheme.entity_id 
_pdbx_nonpoly_scheme.mon_id 
_pdbx_nonpoly_scheme.ndb_seq_num 
_pdbx_nonpoly_scheme.pdb_seq_num 
_pdbx_nonpoly_scheme.auth_seq_num 
_pdbx_nonpoly_scheme.pdb_mon_id 
_pdbx_nonpoly_scheme.auth_mon_id 
_pdbx_nonpoly_scheme.pdb_strand_id 
_pdbx_nonpoly_scheme.pdb_ins_code 
B 2 HOH 1 101 1 HOH HOH A . 
B 2 HOH 2 102 2 HOH HOH A . 
# 
loop_
_software.pdbx_ordinal 
_software.name 
_software.version 
_software.date 
_software.type 
_software.contact_author 
_software.contact_author_email 
_software.classification 
_software.location 
_software.language 
_software.citation_id 
1 DENZO       .        ?                          program 'Zbyszek Otwinowski' hkl@hkl-xray.com            'data reduction'  
http://www.hkl-xray.com/                     ?          ? 
2 SCALEPACK   .        ?                          program 'Zbyszek Otwinowski' hkl@hkl-xray.com            'data scaling'    
http://www.hkl-xray.com/                     ?          ? 
3 PHASER      1.3.2    'Wed Feb 15 11:59:26 2006' program 'Randy J. Read'      cimr-phaser@lists.cam.ac.uk phasing           
http://www-structmed.cimr.cam.ac.uk/phaser/  ?          ? 
4 REFMAC      5.2.0019 ?                          program 'Garib N. Murshudov' garib@ysbl.york.ac.uk       refinement        
http://www.ccp4.ac.uk/dist/html/refmac5.html Fortran_77 ? 
5 PDB_EXTRACT 3.14     'Dec. 10, 2013'            package PDB                  deposit@deposit.rcsb.org    'data extraction' 
http://sw-tools.pdb.org/apps/PDB_EXTRACT/    C++        ? 
# 
_cell.length_a           19.607 
_cell.length_b           4.839 
_cell.length_c           43.220 
_cell.angle_alpha        90.000 
_cell.angle_beta         90.000 
_cell.angle_gamma        90.000 
_cell.entry_id           4R0P 
_cell.pdbx_unique_axis   ? 
_cell.Z_PDB              4 
_cell.length_a_esd       ? 
_cell.length_b_esd       ? 
_cell.length_c_esd       ? 
_cell.angle_alpha_esd    ? 
_cell.angle_beta_esd     ? 
_cell.angle_gamma_esd    ? 
# 
_symmetry.space_group_name_H-M             'P 21 21 21' 
_symmetry.entry_id                         4R0P 
_symmetry.Int_Tables_number                19 
_symmetry.pdbx_full_space_group_name_H-M   ? 
_symmetry.cell_setting                     ? 
_symmetry.space_group_name_Hall            ? 
# 
_exptl.crystals_number   1 
_exptl.entry_id          4R0P 
_exptl.method            'X-RAY DIFFRACTION' 
# 
_exptl_crystal.id                    1 
_exptl_crystal.pdbx_mosaicity        0.300 
_exptl_crystal.pdbx_mosaicity_esd    ? 
_exptl_crystal.density_Matthews      1.42 
_exptl_crystal.density_diffrn        ? 
_exptl_crystal.density_meas          ? 
_exptl_crystal.density_meas_temp     ? 
_exptl_crystal.density_percent_sol   13.51 
_exptl_crystal.size_max              ? 
_exptl_crystal.size_mid              ? 
_exptl_crystal.size_min              ? 
_exptl_crystal.size_rad              ? 
_exptl_crystal.description           ? 
_exptl_crystal.F_000                 ? 
_exptl_crystal.preparation           ? 
# 
_exptl_crystal_grow.crystal_id      1 
_exptl_crystal_grow.method          'VAPOR DIFFUSION, HANGING DROP' 
_exptl_crystal_grow.pH              6.5 
_exptl_crystal_grow.temp            298 
_exptl_crystal_grow.pdbx_details    
'reservoir contained  0.1M Bis-Tris pH 6.5, 3.0M Sodium Chloride, vapor diffusion, hanging drop, temperature 298K' 
_exptl_crystal_grow.temp_details    ? 
_exptl_crystal_grow.pdbx_pH_range   ? 
# 
_diffrn.id                     1 
_diffrn.ambient_temp           100 
_diffrn.ambient_temp_details   ? 
_diffrn.crystal_id             1 
# 
_diffrn_detector.diffrn_id              1 
_diffrn_detector.detector               CCD 
_diffrn_detector.type                   'MAR CCD 165 mm' 
_diffrn_detector.pdbx_collection_date   2006-05-16 
_diffrn_detector.details                ? 
# 
_diffrn_radiation.diffrn_id                        1 
_diffrn_radiation.pdbx_diffrn_protocol             'SINGLE WAVELENGTH' 
_diffrn_radiation.monochromator                    ? 
_diffrn_radiation.wavelength_id                    1 
_diffrn_radiation.pdbx_monochromatic_or_laue_m_l   M 
_diffrn_radiation.pdbx_scattering_type             x-ray 
# 
_diffrn_radiation_wavelength.id           1 
_diffrn_radiation_wavelength.wavelength   0.9466 
_diffrn_radiation_wavelength.wt           1.0 
# 
_diffrn_source.diffrn_id                   1 
_diffrn_source.source                      SYNCHROTRON 
_diffrn_source.type                        'ESRF BEAMLINE ID13' 
_diffrn_source.pdbx_wavelength_list        0.9466 
_diffrn_source.pdbx_wavelength             ? 
_diffrn_source.pdbx_synchrotron_site       ESRF 
_diffrn_source.pdbx_synchrotron_beamline   ID13 
# 
_reflns.entry_id                     4R0P 
_reflns.d_resolution_high            1.500 
_reflns.d_resolution_low             90.000 
_reflns.number_obs                   753 
_reflns.pdbx_Rmerge_I_obs            0.181 
_reflns.pdbx_netI_over_sigmaI        5.800 
_reflns.pdbx_chi_squared             1.055 
_reflns.pdbx_redundancy              13.100 
_reflns.percent_possible_obs         93.800 
_reflns.observed_criterion_sigma_F   ? 
_reflns.observed_criterion_sigma_I   -3.0 
_reflns.number_all                   753 
_reflns.pdbx_Rsym_value              ? 
_reflns.B_iso_Wilson_estimate        14.5 
_reflns.R_free_details               ? 
_reflns.limit_h_max                  ? 
_reflns.limit_h_min                  ? 
_reflns.limit_k_max                  ? 
_reflns.limit_k_min                  ? 
_reflns.limit_l_max                  ? 
_reflns.limit_l_min                  ? 
_reflns.observed_criterion_F_max     ? 
_reflns.observed_criterion_F_min     ? 
_reflns.pdbx_scaling_rejects         ? 
_reflns.pdbx_ordinal                 1 
_reflns.pdbx_diffrn_id               1 
# 
loop_
_reflns_shell.d_res_high 
_reflns_shell.d_res_low 
_reflns_shell.number_measured_obs 
_reflns_shell.number_measured_all 
_reflns_shell.number_unique_obs 
_reflns_shell.pdbx_rejects 
_reflns_shell.Rmerge_I_obs 
_reflns_shell.meanI_over_sigI_obs 
_reflns_shell.pdbx_Rsym_value 
_reflns_shell.pdbx_chi_squared 
_reflns_shell.pdbx_redundancy 
_reflns_shell.percent_possible_obs 
_reflns_shell.pdbx_netI_over_sigmaI_obs 
_reflns_shell.number_possible 
_reflns_shell.number_unique_all 
_reflns_shell.Rmerge_F_all 
_reflns_shell.Rmerge_F_obs 
_reflns_shell.Rmerge_I_all 
_reflns_shell.meanI_over_sigI_all 
_reflns_shell.percent_possible_all 
_reflns_shell.pdbx_Rrim_I_all 
_reflns_shell.pdbx_Rpim_I_all 
_reflns_shell.pdbx_ordinal 
_reflns_shell.pdbx_diffrn_id 
1.500 1.620  ? ? ? 0 0.422 ? ? 1.078 8.800  ? ? ? 128 ? ? ? ? 81.000 ? ? 1 1 
1.620 1.780  ? ? ? 0 0.378 ? ? 1.014 9.700  ? ? ? 129 ? ? ? ? 94.200 ? ? 2 1 
1.780 2.040  ? ? ? 0 0.242 ? ? 1.054 16.400 ? ? ? 146 ? ? ? ? 96.700 ? ? 3 1 
2.040 2.560  ? ? ? 0 0.196 ? ? 1.092 15.700 ? ? ? 163 ? ? ? ? 96.400 ? ? 4 1 
2.560 90.000 ? ? ? 0 0.125 ? ? 1.028 13.800 ? ? ? 187 ? ? ? ? 99.500 ? ? 5 1 
# 
_refine.entry_id                                 4R0P 
_refine.ls_d_res_high                            1.5200 
_refine.ls_d_res_low                             21.6100 
_refine.pdbx_ls_sigma_F                          0.000 
_refine.pdbx_data_cutoff_high_absF               ? 
_refine.pdbx_data_cutoff_low_absF                ? 
_refine.ls_percent_reflns_obs                    92.8900 
_refine.ls_number_reflns_obs                     732 
_refine.ls_number_reflns_all                     ? 
_refine.pdbx_ls_cross_valid_method               THROUGHOUT 
_refine.pdbx_R_Free_selection_details            RANDOM 
_refine.details                                  'HYDROGENS HAVE BEEN ADDED IN THE RIDING POSITIONS' 
_refine.ls_R_factor_all                          0.1623 
_refine.ls_R_factor_obs                          0.1623 
_refine.ls_R_factor_R_work                       0.1578 
_refine.ls_wR_factor_R_work                      0.1458 
_refine.ls_R_factor_R_free                       0.2008 
_refine.ls_wR_factor_R_free                      0.1884 
_refine.ls_percent_reflns_R_free                 10.5000 
_refine.ls_number_reflns_R_free                  77 
_refine.ls_R_factor_R_free_error                 ? 
_refine.B_iso_mean                               4.9240 
_refine.solvent_model_param_bsol                 ? 
_refine.solvent_model_param_ksol                 ? 
_refine.pdbx_isotropic_thermal_model             ? 
_refine.aniso_B[1][1]                            0.4100 
_refine.aniso_B[2][2]                            0.2600 
_refine.aniso_B[3][3]                            -0.6700 
_refine.aniso_B[1][2]                            0.0000 
_refine.aniso_B[1][3]                            0.0000 
_refine.aniso_B[2][3]                            0.0000 
_refine.correlation_coeff_Fo_to_Fc               0.9690 
_refine.correlation_coeff_Fo_to_Fc_free          0.9660 
_refine.overall_SU_R_Cruickshank_DPI             0.0948 
_refine.overall_SU_R_free                        0.0969 
_refine.pdbx_overall_ESU_R                       0.0950 
_refine.pdbx_overall_ESU_R_Free                  0.0970 
_refine.overall_SU_ML                            0.0540 
_refine.overall_SU_B                             1.5660 
_refine.solvent_model_details                    MASK 
_refine.pdbx_solvent_vdw_probe_radii             1.4000 
_refine.pdbx_solvent_ion_probe_radii             0.8000 
_refine.pdbx_solvent_shrinkage_radii             0.8000 
_refine.ls_number_parameters                     ? 
_refine.ls_number_restraints                     ? 
_refine.pdbx_starting_model                      ? 
_refine.pdbx_method_to_determine_struct          'MOLECULAR REPLACEMENT' 
_refine.pdbx_stereochemistry_target_values       'MAXIMUM LIKELIHOOD' 
_refine.pdbx_stereochem_target_val_spec_case     ? 
_refine.overall_FOM_work_R_set                   0.8701 
_refine.B_iso_max                                20.850 
_refine.B_iso_min                                2.000 
_refine.pdbx_overall_phase_error                 ? 
_refine.occupancy_max                            ? 
_refine.occupancy_min                            ? 
_refine.pdbx_ls_sigma_I                          ? 
_refine.ls_redundancy_reflns_obs                 ? 
_refine.ls_R_factor_R_free_error_details         ? 
_refine.pdbx_data_cutoff_high_rms_absF           ? 
_refine.overall_FOM_free_R_set                   ? 
_refine.pdbx_diffrn_id                           1 
_refine.pdbx_refine_id                           'X-RAY DIFFRACTION' 
_refine.pdbx_TLS_residual_ADP_flag               ? 
_refine.pdbx_overall_SU_R_free_Cruickshank_DPI   ? 
_refine.pdbx_overall_SU_R_Blow_DPI               ? 
_refine.pdbx_overall_SU_R_free_Blow_DPI          ? 
# 
_refine_hist.pdbx_refine_id                   'X-RAY DIFFRACTION' 
_refine_hist.cycle_id                         LAST 
_refine_hist.pdbx_number_atoms_protein        51 
_refine_hist.pdbx_number_atoms_nucleic_acid   0 
_refine_hist.pdbx_number_atoms_ligand         0 
_refine_hist.number_atoms_solvent             2 
_refine_hist.number_atoms_total               53 
_refine_hist.d_res_high                       1.5200 
_refine_hist.d_res_low                        21.6100 
# 
loop_
_refine_ls_restr.type 
_refine_ls_restr.number 
_refine_ls_restr.dev_ideal 
_refine_ls_restr.dev_ideal_target 
_refine_ls_restr.weight 
_refine_ls_restr.pdbx_restraint_function 
_refine_ls_restr.pdbx_refine_id 
r_bond_refined_d         57 0.013  0.023  ? ? 'X-RAY DIFFRACTION' 
r_angle_refined_deg      78 1.479  1.944  ? ? 'X-RAY DIFFRACTION' 
r_dihedral_angle_1_deg   7  5.547  5.000  ? ? 'X-RAY DIFFRACTION' 
r_dihedral_angle_2_deg   3  39.503 26.667 ? ? 'X-RAY DIFFRACTION' 
r_dihedral_angle_3_deg   11 7.721  15.000 ? ? 'X-RAY DIFFRACTION' 
r_chiral_restr           10 0.129  0.200  ? ? 'X-RAY DIFFRACTION' 
r_gen_planes_refined     43 0.004  0.020  ? ? 'X-RAY DIFFRACTION' 
r_nbd_refined            10 0.208  0.200  ? ? 'X-RAY DIFFRACTION' 
r_nbtor_refined          37 0.324  0.200  ? ? 'X-RAY DIFFRACTION' 
r_xyhbond_nbd_refined    1  0.007  0.200  ? ? 'X-RAY DIFFRACTION' 
r_symmetry_vdw_refined   8  0.100  0.200  ? ? 'X-RAY DIFFRACTION' 
r_symmetry_hbond_refined 1  0.010  0.200  ? ? 'X-RAY DIFFRACTION' 
r_mcbond_it              36 1.435  2.000  ? ? 'X-RAY DIFFRACTION' 
r_mcangle_it             56 2.474  3.000  ? ? 'X-RAY DIFFRACTION' 
r_scbond_it              25 2.129  2.000  ? ? 'X-RAY DIFFRACTION' 
r_scangle_it             21 2.005  3.000  ? ? 'X-RAY DIFFRACTION' 
# 
_refine_ls_shell.d_res_high                       1.5240 
_refine_ls_shell.d_res_low                        1.5640 
_refine_ls_shell.pdbx_total_number_of_bins_used   20 
_refine_ls_shell.percent_reflns_obs               75.4400 
_refine_ls_shell.number_reflns_R_work             36 
_refine_ls_shell.R_factor_all                     ? 
_refine_ls_shell.R_factor_R_work                  0.2150 
_refine_ls_shell.R_factor_R_free                  0.4680 
_refine_ls_shell.percent_reflns_R_free            ? 
_refine_ls_shell.number_reflns_R_free             7 
_refine_ls_shell.R_factor_R_free_error            ? 
_refine_ls_shell.number_reflns_all                43 
_refine_ls_shell.number_reflns_obs                ? 
_refine_ls_shell.pdbx_refine_id                   'X-RAY DIFFRACTION' 
_refine_ls_shell.redundancy_reflns_obs            ? 
# 
_struct.entry_id                  4R0P 
_struct.title                     'Ifqins, an amyloid forming segment from human lysozyme spanning residues 56-61' 
_struct.pdbx_model_details        ? 
_struct.pdbx_CASP_flag            ? 
_struct.pdbx_model_type_details   ? 
# 
_struct_keywords.entry_id        4R0P 
_struct_keywords.text            'amyloid-like protofibril, PROTEIN FIBRIL' 
_struct_keywords.pdbx_keywords   'PROTEIN FIBRIL' 
# 
loop_
_struct_asym.id 
_struct_asym.pdbx_blank_PDB_chainid_flag 
_struct_asym.pdbx_modified 
_struct_asym.entity_id 
_struct_asym.details 
A N N 1 ? 
B N N 2 ? 
# 
_struct_ref.id                         1 
_struct_ref.db_name                    UNP 
_struct_ref.db_code                    LYSC_HUMAN 
_struct_ref.pdbx_db_accession          P61626 
_struct_ref.entity_id                  1 
_struct_ref.pdbx_seq_one_letter_code   IFQINS 
_struct_ref.pdbx_align_begin           74 
_struct_ref.pdbx_db_isoform            ? 
# 
_struct_ref_seq.align_id                      1 
_struct_ref_seq.ref_id                        1 
_struct_ref_seq.pdbx_PDB_id_code              4R0P 
_struct_ref_seq.pdbx_strand_id                A 
_struct_ref_seq.seq_align_beg                 1 
_struct_ref_seq.pdbx_seq_align_beg_ins_code   ? 
_struct_ref_seq.seq_align_end                 6 
_struct_ref_seq.pdbx_seq_align_end_ins_code   ? 
_struct_ref_seq.pdbx_db_accession             P61626 
_struct_ref_seq.db_align_beg                  74 
_struct_ref_seq.pdbx_db_align_beg_ins_code    ? 
_struct_ref_seq.db_align_end                  79 
_struct_ref_seq.pdbx_db_align_end_ins_code    ? 
_struct_ref_seq.pdbx_auth_seq_align_beg       1 
_struct_ref_seq.pdbx_auth_seq_align_end       6 
# 
_pdbx_struct_assembly.id                   1 
_pdbx_struct_assembly.details              author_defined_assembly 
_pdbx_struct_assembly.method_details       ? 
_pdbx_struct_assembly.oligomeric_details   decameric 
_pdbx_struct_assembly.oligomeric_count     10 
# 
_pdbx_struct_assembly_gen.assembly_id       1 
_pdbx_struct_assembly_gen.oper_expression   1,2,3,4,5,6,7,8,9,10 
_pdbx_struct_assembly_gen.asym_id_list      A,B 
# 
loop_
_pdbx_struct_oper_list.id 
_pdbx_struct_oper_list.type 
_pdbx_struct_oper_list.name 
_pdbx_struct_oper_list.symmetry_operation 
_pdbx_struct_oper_list.matrix[1][1] 
_pdbx_struct_oper_list.matrix[1][2] 
_pdbx_struct_oper_list.matrix[1][3] 
_pdbx_struct_oper_list.vector[1] 
_pdbx_struct_oper_list.matrix[2][1] 
_pdbx_struct_oper_list.matrix[2][2] 
_pdbx_struct_oper_list.matrix[2][3] 
_pdbx_struct_oper_list.vector[2] 
_pdbx_struct_oper_list.matrix[3][1] 
_pdbx_struct_oper_list.matrix[3][2] 
_pdbx_struct_oper_list.matrix[3][3] 
_pdbx_struct_oper_list.vector[3] 
1  'identity operation'         1_555 x,y,z             1.0000000000 0.0000000000  0.0000000000 0.0000000000   0.0000000000  1.0000000000  0.0000000000  0.0000000000  0.0000000000 0.0000000000  1.0000000000  0.0000000000  
2  'crystal symmetry operation' 1_535 x,y-2,z           1.0000000000 0.0000000000  0.0000000000 9.2673122364   0.0000000000  1.0000000000  0.0000000000  -0.1440827307 0.0000000000 0.0000000000  1.0000000000  2.7856503871  
3  'crystal symmetry operation' 1_545 x,y-1,z           1.0000000000 0.0000000000  0.0000000000 4.6336561182   0.0000000000  1.0000000000  0.0000000000  -0.0720413653 0.0000000000 0.0000000000  1.0000000000  1.3928251936  
4  'crystal symmetry operation' 1_565 x,y+1,z           1.0000000000 0.0000000000  0.0000000000 -4.6336561182  0.0000000000  1.0000000000  0.0000000000  0.0720413653  0.0000000000 0.0000000000  1.0000000000  -1.3928251936 
5  'crystal symmetry operation' 1_575 x,y+2,z           1.0000000000 0.0000000000  0.0000000000 -9.2673122364  0.0000000000  1.0000000000  0.0000000000  0.1440827307  0.0000000000 0.0000000000  1.0000000000  -2.7856503871 
6  'crystal symmetry operation' 3_454 -x-1,y+1/2,-z-1/2 0.8338607328 -0.0285117902 0.5512380213 -4.8575266660  -0.0285117902 -0.9995567154 -0.0085703252 7.0317013917  0.5512380213 -0.0085703252 -0.8343040174 8.1178320700  
7  'crystal symmetry operation' 3_434 -x-1,y-3/2,-z-1/2 0.8338607328 -0.0285117902 0.5512380213 4.4097855705   -0.0285117902 -0.9995567154 -0.0085703252 6.8876186611  0.5512380213 -0.0085703252 -0.8343040174 10.9034824571 
8  'crystal symmetry operation' 3_444 -x-1,y-1/2,-z-1/2 0.8338607328 -0.0285117902 0.5512380213 -0.2238705478  -0.0285117902 -0.9995567154 -0.0085703252 6.9596600264  0.5512380213 -0.0085703252 -0.8343040174 9.5106572636  
9  'crystal symmetry operation' 3_464 -x-1,y+3/2,-z-1/2 0.8338607328 -0.0285117902 0.5512380213 -9.4911827842  -0.0285117902 -0.9995567154 -0.0085703252 7.1037427571  0.5512380213 -0.0085703252 -0.8343040174 6.7250068765  
10 'crystal symmetry operation' 3_474 -x-1,y+5/2,-z-1/2 0.8338607328 -0.0285117902 0.5512380213 -14.1248389024 -0.0285117902 -0.9995567154 -0.0085703252 7.1757841224  0.5512380213 -0.0085703252 -0.8343040174 5.3321816829 
# 
_struct_biol.id        1 
_struct_biol.details   
;There are two choices of the biological unit (fibrils). The first choice is a pair of indefinitely long beta sheets constructed from chain A and unit cell translations along the b direction (the b direction corresponds to the fiber axis) (i.e. X,Y,Z; X,Y+1,Z; X,Y+2,Z; etc.) together with a symmetry related sheet formed from -X,1/2+Y,-1/2-Z and its unit cell translations along the b direction (i.e. -X,3/2+Y,-1/2-Z; -X,5/2+Y,-1/2-Z, etc.). The second choice of biological unit is  a pair of beta sheets constructed from chain A and unit cell translations along the b direction (i.e. X,Y,Z; X,Y+1,Z; X,Y+2,Z; etc.) together with a symmetry related sheet formed from -1-X,1/2+Y,-1/2-Z and its unit cell translations along the b direction (i.e. -1-X,3/2+Y,-1/2-Z; -1-X,5/2+Y,-1/2-Z, etc.). REMARK 350 displays 5 strands from both sheets for the second choice.
;
# 
_pdbx_phasing_MR.entry_id                     4R0P 
_pdbx_phasing_MR.method_rotation              ? 
_pdbx_phasing_MR.method_translation           ? 
_pdbx_phasing_MR.model_details                'Phaser MODE: MR_AUTO' 
_pdbx_phasing_MR.R_factor                     ? 
_pdbx_phasing_MR.R_rigid_body                 ? 
_pdbx_phasing_MR.correlation_coeff_Fo_to_Fc   ? 
_pdbx_phasing_MR.correlation_coeff_Io_to_Ic   ? 
_pdbx_phasing_MR.d_res_high_rotation          2.310 
_pdbx_phasing_MR.d_res_low_rotation           21.610 
_pdbx_phasing_MR.d_res_high_translation       2.310 
_pdbx_phasing_MR.d_res_low_translation        21.610 
_pdbx_phasing_MR.packing                      ? 
_pdbx_phasing_MR.reflns_percent_rotation      ? 
_pdbx_phasing_MR.reflns_percent_translation   ? 
_pdbx_phasing_MR.sigma_F_rotation             ? 
_pdbx_phasing_MR.sigma_F_translation          ? 
_pdbx_phasing_MR.sigma_I_rotation             ? 
_pdbx_phasing_MR.sigma_I_translation          ? 
# 
_phasing.method   MR 
# 
loop_
_chem_comp_atom.comp_id 
_chem_comp_atom.atom_id 
_chem_comp_atom.type_symbol 
_chem_comp_atom.pdbx_aromatic_flag 
_chem_comp_atom.pdbx_stereo_config 
_chem_comp_atom.pdbx_ordinal 
ASN N    N N N 1  
ASN CA   C N S 2  
ASN C    C N N 3  
ASN O    O N N 4  
ASN CB   C N N 5  
ASN CG   C N N 6  
ASN OD1  O N N 7  
ASN ND2  N N N 8  
ASN OXT  O N N 9  
ASN H    H N N 10 
ASN H2   H N N 11 
ASN HA   H N N 12 
ASN HB2  H N N 13 
ASN HB3  H N N 14 
ASN HD21 H N N 15 
ASN HD22 H N N 16 
ASN HXT  H N N 17 
GLN N    N N N 18 
GLN CA   C N S 19 
GLN C    C N N 20 
GLN O    O N N 21 
GLN CB   C N N 22 
GLN CG   C N N 23 
GLN CD   C N N 24 
GLN OE1  O N N 25 
GLN NE2  N N N 26 
GLN OXT  O N N 27 
GLN H    H N N 28 
GLN H2   H N N 29 
GLN HA   H N N 30 
GLN HB2  H N N 31 
GLN HB3  H N N 32 
GLN HG2  H N N 33 
GLN HG3  H N N 34 
GLN HE21 H N N 35 
GLN HE22 H N N 36 
GLN HXT  H N N 37 
HOH O    O N N 38 
HOH H1   H N N 39 
HOH H2   H N N 40 
ILE N    N N N 41 
ILE CA   C N S 42 
ILE C    C N N 43 
ILE O    O N N 44 
ILE CB   C N S 45 
ILE CG1  C N N 46 
ILE CG2  C N N 47 
ILE CD1  C N N 48 
ILE OXT  O N N 49 
ILE H    H N N 50 
ILE H2   H N N 51 
ILE HA   H N N 52 
ILE HB   H N N 53 
ILE HG12 H N N 54 
ILE HG13 H N N 55 
ILE HG21 H N N 56 
ILE HG22 H N N 57 
ILE HG23 H N N 58 
ILE HD11 H N N 59 
ILE HD12 H N N 60 
ILE HD13 H N N 61 
ILE HXT  H N N 62 
PHE N    N N N 63 
PHE CA   C N S 64 
PHE C    C N N 65 
PHE O    O N N 66 
PHE CB   C N N 67 
PHE CG   C Y N 68 
PHE CD1  C Y N 69 
PHE CD2  C Y N 70 
PHE CE1  C Y N 71 
PHE CE2  C Y N 72 
PHE CZ   C Y N 73 
PHE OXT  O N N 74 
PHE H    H N N 75 
PHE H2   H N N 76 
PHE HA   H N N 77 
PHE HB2  H N N 78 
PHE HB3  H N N 79 
PHE HD1  H N N 80 
PHE HD2  H N N 81 
PHE HE1  H N N 82 
PHE HE2  H N N 83 
PHE HZ   H N N 84 
PHE HXT  H N N 85 
SER N    N N N 86 
SER CA   C N S 87 
SER C    C N N 88 
SER O    O N N 89 
SER CB   C N N 90 
SER OG   O N N 91 
SER OXT  O N N 92 
SER H    H N N 93 
SER H2   H N N 94 
SER HA   H N N 95 
SER HB2  H N N 96 
SER HB3  H N N 97 
SER HG   H N N 98 
SER HXT  H N N 99 
# 
loop_
_chem_comp_bond.comp_id 
_chem_comp_bond.atom_id_1 
_chem_comp_bond.atom_id_2 
_chem_comp_bond.value_order 
_chem_comp_bond.pdbx_aromatic_flag 
_chem_comp_bond.pdbx_stereo_config 
_chem_comp_bond.pdbx_ordinal 
ASN N   CA   sing N N 1  
ASN N   H    sing N N 2  
ASN N   H2   sing N N 3  
ASN CA  C    sing N N 4  
ASN CA  CB   sing N N 5  
ASN CA  HA   sing N N 6  
ASN C   O    doub N N 7  
ASN C   OXT  sing N N 8  
ASN CB  CG   sing N N 9  
ASN CB  HB2  sing N N 10 
ASN CB  HB3  sing N N 11 
ASN CG  OD1  doub N N 12 
ASN CG  ND2  sing N N 13 
ASN ND2 HD21 sing N N 14 
ASN ND2 HD22 sing N N 15 
ASN OXT HXT  sing N N 16 
GLN N   CA   sing N N 17 
GLN N   H    sing N N 18 
GLN N   H2   sing N N 19 
GLN CA  C    sing N N 20 
GLN CA  CB   sing N N 21 
GLN CA  HA   sing N N 22 
GLN C   O    doub N N 23 
GLN C   OXT  sing N N 24 
GLN CB  CG   sing N N 25 
GLN CB  HB2  sing N N 26 
GLN CB  HB3  sing N N 27 
GLN CG  CD   sing N N 28 
GLN CG  HG2  sing N N 29 
GLN CG  HG3  sing N N 30 
GLN CD  OE1  doub N N 31 
GLN CD  NE2  sing N N 32 
GLN NE2 HE21 sing N N 33 
GLN NE2 HE22 sing N N 34 
GLN OXT HXT  sing N N 35 
HOH O   H1   sing N N 36 
HOH O   H2   sing N N 37 
ILE N   CA   sing N N 38 
ILE N   H    sing N N 39 
ILE N   H2   sing N N 40 
ILE CA  C    sing N N 41 
ILE CA  CB   sing N N 42 
ILE CA  HA   sing N N 43 
ILE C   O    doub N N 44 
ILE C   OXT  sing N N 45 
ILE CB  CG1  sing N N 46 
ILE CB  CG2  sing N N 47 
ILE CB  HB   sing N N 48 
ILE CG1 CD1  sing N N 49 
ILE CG1 HG12 sing N N 50 
ILE CG1 HG13 sing N N 51 
ILE CG2 HG21 sing N N 52 
ILE CG2 HG22 sing N N 53 
ILE CG2 HG23 sing N N 54 
ILE CD1 HD11 sing N N 55 
ILE CD1 HD12 sing N N 56 
ILE CD1 HD13 sing N N 57 
ILE OXT HXT  sing N N 58 
PHE N   CA   sing N N 59 
PHE N   H    sing N N 60 
PHE N   H2   sing N N 61 
PHE CA  C    sing N N 62 
PHE CA  CB   sing N N 63 
PHE CA  HA   sing N N 64 
PHE C   O    doub N N 65 
PHE C   OXT  sing N N 66 
PHE CB  CG   sing N N 67 
PHE CB  HB2  sing N N 68 
PHE CB  HB3  sing N N 69 
PHE CG  CD1  doub Y N 70 
PHE CG  CD2  sing Y N 71 
PHE CD1 CE1  sing Y N 72 
PHE CD1 HD1  sing N N 73 
PHE CD2 CE2  doub Y N 74 
PHE CD2 HD2  sing N N 75 
PHE CE1 CZ   doub Y N 76 
PHE CE1 HE1  sing N N 77 
PHE CE2 CZ   sing Y N 78 
PHE CE2 HE2  sing N N 79 
PHE CZ  HZ   sing N N 80 
PHE OXT HXT  sing N N 81 
SER N   CA   sing N N 82 
SER N   H    sing N N 83 
SER N   H2   sing N N 84 
SER CA  C    sing N N 85 
SER CA  CB   sing N N 86 
SER CA  HA   sing N N 87 
SER C   O    doub N N 88 
SER C   OXT  sing N N 89 
SER CB  OG   sing N N 90 
SER CB  HB2  sing N N 91 
SER CB  HB3  sing N N 92 
SER OG  HG   sing N N 93 
SER OXT HXT  sing N N 94 
# 
_atom_sites.entry_id                    4R0P 
_atom_sites.fract_transf_matrix[1][1]   0.00769750 
_atom_sites.fract_transf_matrix[1][2]   -0.04207129 
_atom_sites.fract_transf_matrix[1][3]   -0.02778415 
_atom_sites.fract_transf_matrix[2][1]   -0.19788460 
_atom_sites.fract_transf_matrix[2][2]   0.00307659 
_atom_sites.fract_transf_matrix[2][3]   -0.05948190 
_atom_sites.fract_transf_matrix[3][1]   0.00568112 
_atom_sites.fract_transf_matrix[3][2]   0.01307449 
_atom_sites.fract_transf_matrix[3][3]   -0.01822371 
_atom_sites.fract_transf_vector[1]      -0.220613 
_atom_sites.fract_transf_vector[2]      0.179700 
_atom_sites.fract_transf_vector[3]      -0.208197 
# 
loop_
_atom_type.symbol 
C 
N 
O 
# 
loop_
_atom_site.group_PDB 
_atom_site.id 
_atom_site.type_symbol 
_atom_site.label_atom_id 
_atom_site.label_alt_id 
_atom_site.label_comp_id 
_atom_site.label_asym_id 
_atom_site.label_entity_id 
_atom_site.label_seq_id 
_atom_site.pdbx_PDB_ins_code 
_atom_site.Cartn_x 
_atom_site.Cartn_y 
_atom_site.Cartn_z 
_atom_site.occupancy 
_atom_site.B_iso_or_equiv 
_atom_site.pdbx_formal_charge 
_atom_site.auth_seq_id 
_atom_site.auth_comp_id 
_atom_site.auth_asym_id 
_atom_site.auth_atom_id 
_atom_site.pdbx_PDB_model_num 
ATOM   1  N N   . ILE A 1 1 ? 2.200  6.698  -6.929 1.00 7.25  ? 1   ILE A N   1 
ATOM   2  C CA  . ILE A 1 1 ? 1.980  5.254  -6.616 1.00 5.36  ? 1   ILE A CA  1 
ATOM   3  C C   . ILE A 1 1 ? 2.162  5.046  -5.106 1.00 4.27  ? 1   ILE A C   1 
ATOM   4  O O   . ILE A 1 1 ? 3.261  5.215  -4.577 1.00 5.01  ? 1   ILE A O   1 
ATOM   5  C CB  . ILE A 1 1 ? 2.922  4.338  -7.452 1.00 5.67  ? 1   ILE A CB  1 
ATOM   6  C CG1 . ILE A 1 1 ? 2.688  4.560  -8.955 1.00 6.34  ? 1   ILE A CG1 1 
ATOM   7  C CG2 . ILE A 1 1 ? 2.720  2.864  -7.082 1.00 10.03 ? 1   ILE A CG2 1 
ATOM   8  C CD1 . ILE A 1 1 ? 3.748  3.937  -9.869 1.00 8.20  ? 1   ILE A CD1 1 
ATOM   9  N N   . PHE A 1 2 ? 1.065  4.690  -4.433 1.00 2.00  ? 2   PHE A N   1 
ATOM   10 C CA  . PHE A 1 2 ? 0.995  4.535  -2.974 1.00 2.00  ? 2   PHE A CA  1 
ATOM   11 C C   . PHE A 1 2 ? 0.289  3.192  -2.722 1.00 2.00  ? 2   PHE A C   1 
ATOM   12 O O   . PHE A 1 2 ? -0.885 3.034  -3.075 1.00 2.73  ? 2   PHE A O   1 
ATOM   13 C CB  . PHE A 1 2 ? 0.178  5.715  -2.411 1.00 3.28  ? 2   PHE A CB  1 
ATOM   14 C CG  . PHE A 1 2 ? 0.098  5.782  -0.899 1.00 4.82  ? 2   PHE A CG  1 
ATOM   15 C CD1 . PHE A 1 2 ? 0.928  6.640  -0.186 1.00 5.04  ? 2   PHE A CD1 1 
ATOM   16 C CD2 . PHE A 1 2 ? -0.851 5.039  -0.198 1.00 6.12  ? 2   PHE A CD2 1 
ATOM   17 C CE1 . PHE A 1 2 ? 0.841  6.730  1.210  1.00 6.05  ? 2   PHE A CE1 1 
ATOM   18 C CE2 . PHE A 1 2 ? -0.947 5.121  1.195  1.00 6.34  ? 2   PHE A CE2 1 
ATOM   19 C CZ  . PHE A 1 2 ? -0.099 5.970  1.901  1.00 4.98  ? 2   PHE A CZ  1 
ATOM   20 N N   . GLN A 1 3 ? 1.009  2.230  -2.131 1.00 2.00  ? 3   GLN A N   1 
ATOM   21 C CA  . GLN A 1 3 ? 0.516  0.843  -1.970 1.00 2.00  ? 3   GLN A CA  1 
ATOM   22 C C   . GLN A 1 3 ? 0.730  0.296  -0.555 1.00 2.00  ? 3   GLN A C   1 
ATOM   23 O O   . GLN A 1 3 ? 1.855  0.347  -0.047 1.00 2.00  ? 3   GLN A O   1 
ATOM   24 C CB  . GLN A 1 3 ? 1.232  -0.080 -2.977 1.00 2.00  ? 3   GLN A CB  1 
ATOM   25 C CG  . GLN A 1 3 ? 0.996  0.259  -4.451 1.00 2.17  ? 3   GLN A CG  1 
ATOM   26 C CD  . GLN A 1 3 ? 1.884  -0.545 -5.396 1.00 4.22  ? 3   GLN A CD  1 
ATOM   27 O OE1 . GLN A 1 3 ? 3.106  -0.577 -5.244 1.00 6.81  ? 3   GLN A OE1 1 
ATOM   28 N NE2 . GLN A 1 3 ? 1.273  -1.178 -6.387 1.00 4.49  ? 3   GLN A NE2 1 
ATOM   29 N N   . ILE A 1 4 ? -0.340 -0.219 0.069  1.00 2.00  ? 4   ILE A N   1 
ATOM   30 C CA  A ILE A 1 4 ? -0.259 -0.790 1.424  0.50 2.00  ? 4   ILE A CA  1 
ATOM   31 C CA  B ILE A 1 4 ? -0.279 -0.772 1.434  0.50 2.00  ? 4   ILE A CA  1 
ATOM   32 C C   . ILE A 1 4 ? -0.994 -2.132 1.561  1.00 2.18  ? 4   ILE A C   1 
ATOM   33 O O   . ILE A 1 4 ? -2.139 -2.276 1.136  1.00 2.00  ? 4   ILE A O   1 
ATOM   34 C CB  A ILE A 1 4 ? -0.797 0.190  2.521  0.50 2.00  ? 4   ILE A CB  1 
ATOM   35 C CB  B ILE A 1 4 ? -0.932 0.193  2.490  0.50 2.90  ? 4   ILE A CB  1 
ATOM   36 C CG1 A ILE A 1 4 ? 0.036  1.479  2.580  0.50 2.00  ? 4   ILE A CG1 1 
ATOM   37 C CG1 B ILE A 1 4 ? -0.456 1.653  2.335  0.50 5.28  ? 4   ILE A CG1 1 
ATOM   38 C CG2 A ILE A 1 4 ? -0.822 -0.492 3.903  0.50 2.00  ? 4   ILE A CG2 1 
ATOM   39 C CG2 B ILE A 1 4 ? -0.741 -0.336 3.926  0.50 3.41  ? 4   ILE A CG2 1 
ATOM   40 C CD1 A ILE A 1 4 ? -0.435 2.484  3.627  0.50 2.36  ? 4   ILE A CD1 1 
ATOM   41 C CD1 B ILE A 1 4 ? 0.985  1.931  2.745  0.50 5.14  ? 4   ILE A CD1 1 
ATOM   42 N N   . ASN A 1 5 ? -0.307 -3.117 2.154  1.00 2.00  ? 5   ASN A N   1 
ATOM   43 C CA  . ASN A 1 5 ? -0.893 -4.419 2.524  1.00 2.00  ? 5   ASN A CA  1 
ATOM   44 C C   . ASN A 1 5 ? -0.834 -4.471 4.062  1.00 2.69  ? 5   ASN A C   1 
ATOM   45 O O   . ASN A 1 5 ? 0.246  -4.355 4.646  1.00 3.74  ? 5   ASN A O   1 
ATOM   46 C CB  . ASN A 1 5 ? -0.110 -5.608 1.936  1.00 2.01  ? 5   ASN A CB  1 
ATOM   47 C CG  . ASN A 1 5 ? -0.343 -5.805 0.438  1.00 2.00  ? 5   ASN A CG  1 
ATOM   48 O OD1 . ASN A 1 5 ? -1.476 -5.763 -0.045 1.00 2.66  ? 5   ASN A OD1 1 
ATOM   49 N ND2 . ASN A 1 5 ? 0.739  -6.056 -0.301 1.00 2.00  ? 5   ASN A ND2 1 
ATOM   50 N N   . SER A 1 6 ? -1.988 -4.628 4.709  1.00 4.34  ? 6   SER A N   1 
ATOM   51 C CA  . SER A 1 6 ? -2.061 -4.651 6.178  1.00 7.95  ? 6   SER A CA  1 
ATOM   52 C C   . SER A 1 6 ? -3.045 -5.686 6.734  1.00 12.44 ? 6   SER A C   1 
ATOM   53 O O   . SER A 1 6 ? -3.755 -6.370 5.996  1.00 9.51  ? 6   SER A O   1 
ATOM   54 C CB  . SER A 1 6 ? -2.421 -3.262 6.713  1.00 8.90  ? 6   SER A CB  1 
ATOM   55 O OG  . SER A 1 6 ? -3.703 -2.866 6.256  1.00 16.75 ? 6   SER A OG  1 
ATOM   56 O OXT . SER A 1 6 ? -3.162 -5.862 7.950  1.00 13.02 ? 6   SER A OXT 1 
HETATM 57 O O   . HOH B 2 . ? 3.965  9.837  -5.298 1.00 20.85 ? 101 HOH A O   1 
HETATM 58 O O   . HOH B 2 . ? 1.409  8.567  -4.982 1.00 12.29 ? 102 HOH A O   1 
# 
